data_8FJM
#
_entry.id   8FJM
#
_cell.length_a   41.934
_cell.length_b   81.625
_cell.length_c   170.115
_cell.angle_alpha   90.000
_cell.angle_beta   90.000
_cell.angle_gamma   90.000
#
_symmetry.space_group_name_H-M   'P 21 21 21'
#
loop_
_entity.id
_entity.type
_entity.pdbx_description
1 polymer 'Histone-lysine N-methyltransferase, H3 lysine-79 specific'
2 non-polymer S-ADENOSYL-L-HOMOCYSTEINE
3 non-polymer 'ZINC ION'
4 non-polymer 'CALCIUM ION'
5 non-polymer 'ACETATE ION'
6 water water
#
_entity_poly.entity_id   1
_entity_poly.type   'polypeptide(L)'
_entity_poly.pdbx_seq_one_letter_code
;GPHMPKGELGAGTPHEPYNLPLRGNPNKSGCHHCLADQCHCVFFERLLDATFRRLDIKRITEVSGSRHLCAKSLLPTFVS
RMVRLMEITSEDTFYDLGCGNGSILFQVAFLTGARCVGIEISEHNAKVAKKAWEVIRPELEGSSGRSMSEVNIITSDMTK
ILADERLFESERGKTVILLSNLLFPKSLTHYLSERFRRVPSGTRILCFDDLYPHSRSVAAIRDPEAFRLFAMTDYRWQEC
SVEWCTRDGPFFIHRRR
;
_entity_poly.pdbx_strand_id   A,B
#
loop_
_chem_comp.id
_chem_comp.type
_chem_comp.name
_chem_comp.formula
ACT non-polymer 'ACETATE ION' 'C2 H3 O2 -1'
CA non-polymer 'CALCIUM ION' 'Ca 2'
ZN non-polymer 'ZINC ION' 'Zn 2'
#
# COMPACT_ATOMS: atom_id res chain seq x y z
N GLY A 7 -0.06 -3.50 8.84
CA GLY A 7 -0.84 -3.01 9.95
C GLY A 7 -0.82 -1.50 10.04
N GLU A 8 -0.27 -0.86 9.03
CA GLU A 8 -0.21 0.60 9.00
C GLU A 8 -1.59 1.19 8.74
N LEU A 9 -1.89 2.27 9.43
CA LEU A 9 -3.11 3.04 9.19
C LEU A 9 -2.86 4.10 8.12
N GLY A 10 -3.96 4.62 7.57
CA GLY A 10 -3.88 5.69 6.59
C GLY A 10 -3.74 5.20 5.16
N ALA A 11 -3.40 6.13 4.28
CA ALA A 11 -3.35 5.86 2.85
C ALA A 11 -2.03 6.21 2.17
N GLY A 12 -1.11 6.87 2.85
CA GLY A 12 0.12 7.31 2.22
C GLY A 12 0.00 8.55 1.39
N THR A 13 -1.12 9.25 1.46
CA THR A 13 -1.32 10.51 0.77
C THR A 13 -1.03 11.68 1.69
N PRO A 14 -0.86 12.88 1.13
CA PRO A 14 -0.70 14.06 1.99
C PRO A 14 -1.85 14.22 2.97
N HIS A 15 -3.08 13.93 2.52
CA HIS A 15 -4.25 14.05 3.37
C HIS A 15 -4.25 13.00 4.48
N GLU A 16 -3.82 11.78 4.16
CA GLU A 16 -3.88 10.66 5.10
C GLU A 16 -2.58 9.88 5.06
N PRO A 17 -1.52 10.43 5.65
CA PRO A 17 -0.23 9.71 5.63
C PRO A 17 -0.31 8.39 6.38
N TYR A 18 0.56 7.46 5.98
CA TYR A 18 0.67 6.17 6.66
C TYR A 18 1.20 6.39 8.07
N ASN A 19 0.56 5.77 9.05
CA ASN A 19 0.93 5.97 10.44
C ASN A 19 0.66 4.70 11.21
N LEU A 20 1.43 4.51 12.28
CA LEU A 20 1.38 3.30 13.10
C LEU A 20 1.33 3.70 14.56
N PRO A 21 0.15 3.72 15.17
CA PRO A 21 0.07 4.03 16.60
C PRO A 21 0.91 3.04 17.41
N LEU A 22 1.43 3.52 18.53
CA LEU A 22 2.16 2.64 19.43
C LEU A 22 1.21 1.60 20.02
N ARG A 23 1.74 0.42 20.31
CA ARG A 23 0.99 -0.56 21.07
C ARG A 23 0.89 -0.09 22.52
N GLY A 24 -0.26 -0.34 23.15
CA GLY A 24 -0.39 -0.04 24.56
C GLY A 24 0.55 -0.88 25.41
N ASN A 25 0.71 -2.15 25.03
CA ASN A 25 1.59 -3.06 25.75
C ASN A 25 2.72 -3.51 24.83
N PRO A 26 3.86 -3.87 25.40
CA PRO A 26 5.00 -4.26 24.56
C PRO A 26 4.76 -5.59 23.87
N ASN A 27 5.43 -5.77 22.73
CA ASN A 27 5.48 -7.08 22.10
C ASN A 27 6.41 -7.98 22.93
N LYS A 28 6.66 -9.18 22.42
CA LYS A 28 7.44 -10.15 23.20
C LYS A 28 8.83 -9.62 23.54
N SER A 29 9.40 -8.79 22.67
CA SER A 29 10.75 -8.25 22.86
C SER A 29 10.76 -6.91 23.59
N GLY A 30 9.65 -6.51 24.19
CA GLY A 30 9.60 -5.28 24.95
C GLY A 30 9.31 -4.04 24.15
N CYS A 31 8.96 -4.17 22.87
CA CYS A 31 8.85 -3.03 21.97
C CYS A 31 7.39 -2.63 21.77
N HIS A 32 7.12 -1.33 21.90
CA HIS A 32 5.80 -0.77 21.67
C HIS A 32 5.60 -0.34 20.21
N HIS A 33 6.64 -0.41 19.39
CA HIS A 33 6.63 0.23 18.08
C HIS A 33 6.36 -0.73 16.93
N CYS A 34 6.97 -1.91 16.95
CA CYS A 34 6.97 -2.78 15.79
C CYS A 34 5.64 -3.49 15.62
N LEU A 35 5.28 -3.72 14.35
CA LEU A 35 4.14 -4.58 14.03
C LEU A 35 4.42 -6.03 14.42
N ALA A 36 5.65 -6.48 14.21
CA ALA A 36 6.01 -7.86 14.49
C ALA A 36 5.99 -8.13 15.99
N ASP A 37 5.69 -9.38 16.34
CA ASP A 37 5.65 -9.78 17.75
C ASP A 37 7.04 -9.86 18.37
N GLN A 38 8.08 -9.94 17.56
CA GLN A 38 9.46 -9.97 18.04
C GLN A 38 10.29 -9.01 17.20
N CYS A 39 11.31 -8.42 17.82
CA CYS A 39 12.16 -7.45 17.14
C CYS A 39 13.45 -7.27 17.94
N HIS A 40 14.33 -6.41 17.41
CA HIS A 40 15.65 -6.20 18.00
C HIS A 40 15.88 -4.76 18.46
N CYS A 41 14.80 -3.98 18.58
CA CYS A 41 14.95 -2.56 18.88
C CYS A 41 15.59 -2.33 20.24
N VAL A 42 15.10 -2.99 21.29
CA VAL A 42 15.69 -2.76 22.61
C VAL A 42 17.13 -3.26 22.63
N PHE A 43 17.37 -4.44 22.05
CA PHE A 43 18.74 -4.95 21.97
C PHE A 43 19.66 -3.90 21.35
N PHE A 44 19.21 -3.23 20.29
CA PHE A 44 20.05 -2.23 19.65
C PHE A 44 20.14 -0.96 20.48
N GLU A 45 19.03 -0.53 21.08
CA GLU A 45 19.08 0.55 22.04
C GLU A 45 20.22 0.33 23.03
N ARG A 46 20.24 -0.85 23.65
CA ARG A 46 21.18 -1.12 24.73
C ARG A 46 22.60 -1.29 24.21
N LEU A 47 22.77 -1.96 23.07
CA LEU A 47 24.12 -2.21 22.55
C LEU A 47 24.76 -0.93 22.05
N LEU A 48 23.99 -0.08 21.37
CA LEU A 48 24.53 1.20 20.92
C LEU A 48 24.98 2.05 22.09
N ASP A 49 24.15 2.13 23.15
CA ASP A 49 24.50 2.94 24.30
C ASP A 49 25.78 2.44 24.96
N ALA A 50 25.91 1.12 25.10
CA ALA A 50 27.13 0.57 25.70
C ALA A 50 28.34 0.85 24.81
N THR A 51 28.16 0.75 23.50
CA THR A 51 29.28 1.01 22.58
C THR A 51 29.75 2.45 22.70
N PHE A 52 28.83 3.41 22.56
CA PHE A 52 29.23 4.81 22.61
C PHE A 52 29.70 5.22 24.00
N ARG A 53 29.22 4.56 25.04
CA ARG A 53 29.69 4.85 26.38
C ARG A 53 31.13 4.37 26.58
N ARG A 54 31.48 3.23 25.99
CA ARG A 54 32.84 2.71 26.14
C ARG A 54 33.83 3.46 25.25
N LEU A 55 33.37 4.01 24.12
CA LEU A 55 34.26 4.75 23.24
C LEU A 55 34.81 5.99 23.95
N ASP A 56 36.10 6.25 23.75
CA ASP A 56 36.73 7.42 24.36
C ASP A 56 36.40 8.70 23.60
N ILE A 57 36.03 8.60 22.33
CA ILE A 57 35.63 9.75 21.53
C ILE A 57 34.11 9.76 21.43
N LYS A 58 33.51 10.93 21.61
CA LYS A 58 32.07 11.05 21.75
C LYS A 58 31.50 11.86 20.60
N ARG A 59 30.24 11.57 20.27
CA ARG A 59 29.54 12.30 19.22
C ARG A 59 29.42 13.78 19.59
N ILE A 60 29.60 14.63 18.59
CA ILE A 60 29.25 16.05 18.70
C ILE A 60 27.81 16.17 18.20
N THR A 61 26.88 16.29 19.14
CA THR A 61 25.46 16.27 18.79
C THR A 61 25.04 17.57 18.14
N GLU A 62 25.49 18.70 18.69
CA GLU A 62 25.18 20.01 18.16
C GLU A 62 26.44 20.85 18.13
N VAL A 63 26.48 21.77 17.18
CA VAL A 63 27.52 22.79 17.08
C VAL A 63 26.83 24.13 17.05
N SER A 64 26.97 24.91 18.12
CA SER A 64 26.40 26.25 18.14
C SER A 64 26.93 27.04 16.96
N GLY A 65 26.01 27.58 16.15
CA GLY A 65 26.36 28.36 14.98
C GLY A 65 26.22 27.64 13.66
N SER A 66 26.23 26.30 13.66
CA SER A 66 26.13 25.49 12.45
C SER A 66 25.00 24.46 12.64
N ARG A 67 23.76 24.91 12.40
CA ARG A 67 22.61 24.05 12.66
C ARG A 67 22.59 22.84 11.73
N HIS A 68 23.19 22.95 10.55
CA HIS A 68 23.21 21.83 9.61
C HIS A 68 24.06 20.67 10.11
N LEU A 69 24.91 20.90 11.10
CA LEU A 69 25.75 19.85 11.66
C LEU A 69 25.05 19.03 12.73
N CYS A 70 23.79 19.33 13.05
CA CYS A 70 23.10 18.59 14.10
C CYS A 70 23.07 17.10 13.77
N ALA A 71 23.45 16.27 14.74
CA ALA A 71 23.61 14.85 14.53
C ALA A 71 22.68 14.01 15.39
N LYS A 72 21.59 14.59 15.87
CA LYS A 72 20.59 13.81 16.60
C LYS A 72 20.02 12.72 15.69
N SER A 73 19.62 11.61 16.32
CA SER A 73 19.51 10.33 15.66
C SER A 73 18.07 9.95 15.36
N LEU A 74 17.89 9.16 14.31
CA LEU A 74 16.73 8.30 14.19
C LEU A 74 16.95 7.08 15.07
N LEU A 75 15.98 6.75 15.92
CA LEU A 75 16.20 5.72 16.93
C LEU A 75 15.98 4.34 16.33
N PRO A 76 16.42 3.29 17.04
CA PRO A 76 16.27 1.93 16.51
C PRO A 76 14.85 1.56 16.14
N THR A 77 13.84 2.10 16.84
CA THR A 77 12.46 1.83 16.46
C THR A 77 12.16 2.41 15.08
N PHE A 78 12.67 3.61 14.79
CA PHE A 78 12.48 4.18 13.46
C PHE A 78 13.12 3.29 12.40
N VAL A 79 14.32 2.77 12.69
CA VAL A 79 15.07 1.99 11.71
C VAL A 79 14.39 0.66 11.42
N SER A 80 13.86 0.00 12.45
CA SER A 80 13.14 -1.25 12.23
C SER A 80 11.95 -1.03 11.29
N ARG A 81 11.22 0.06 11.49
CA ARG A 81 10.11 0.34 10.59
C ARG A 81 10.62 0.70 9.20
N MET A 82 11.71 1.47 9.13
CA MET A 82 12.27 1.88 7.85
C MET A 82 12.68 0.68 7.01
N VAL A 83 13.30 -0.31 7.63
CA VAL A 83 13.73 -1.50 6.90
C VAL A 83 12.55 -2.15 6.20
N ARG A 84 11.39 -2.11 6.85
CA ARG A 84 10.18 -2.70 6.30
C ARG A 84 9.58 -1.82 5.21
N LEU A 85 9.50 -0.52 5.49
CA LEU A 85 8.85 0.40 4.55
C LEU A 85 9.63 0.52 3.25
N MET A 86 10.96 0.48 3.33
CA MET A 86 11.80 0.64 2.16
C MET A 86 12.20 -0.70 1.54
N GLU A 87 11.68 -1.81 2.06
CA GLU A 87 11.90 -3.14 1.51
C GLU A 87 13.39 -3.40 1.28
N ILE A 88 14.19 -3.15 2.32
CA ILE A 88 15.64 -3.29 2.23
C ILE A 88 16.00 -4.77 2.31
N THR A 89 16.67 -5.27 1.27
CA THR A 89 17.10 -6.65 1.19
C THR A 89 18.63 -6.72 1.20
N SER A 90 19.13 -7.95 1.33
CA SER A 90 20.58 -8.18 1.33
C SER A 90 21.23 -7.78 0.01
N GLU A 91 20.47 -7.77 -1.10
CA GLU A 91 21.02 -7.31 -2.37
C GLU A 91 21.04 -5.80 -2.50
N ASP A 92 20.38 -5.07 -1.61
CA ASP A 92 20.36 -3.63 -1.69
C ASP A 92 21.67 -3.06 -1.18
N THR A 93 21.99 -1.84 -1.60
CA THR A 93 23.04 -1.05 -0.99
C THR A 93 22.38 0.14 -0.30
N PHE A 94 22.65 0.29 0.99
CA PHE A 94 22.06 1.34 1.80
C PHE A 94 23.04 2.49 1.99
N TYR A 95 22.58 3.70 1.66
CA TYR A 95 23.38 4.91 1.79
C TYR A 95 22.75 5.81 2.83
N ASP A 96 23.50 6.15 3.86
CA ASP A 96 23.07 7.13 4.85
C ASP A 96 23.82 8.42 4.53
N LEU A 97 23.11 9.38 3.93
CA LEU A 97 23.70 10.65 3.52
C LEU A 97 23.63 11.60 4.72
N GLY A 98 24.77 11.74 5.41
CA GLY A 98 24.80 12.38 6.72
C GLY A 98 24.62 11.34 7.80
N CYS A 99 25.61 10.49 8.00
CA CYS A 99 25.45 9.30 8.82
C CYS A 99 25.75 9.54 10.30
N GLY A 100 26.28 10.71 10.66
CA GLY A 100 26.47 10.98 12.08
C GLY A 100 27.36 9.93 12.71
N ASN A 101 26.92 9.38 13.85
CA ASN A 101 27.70 8.38 14.56
C ASN A 101 27.60 6.99 13.95
N GLY A 102 26.91 6.83 12.83
CA GLY A 102 26.85 5.55 12.14
C GLY A 102 25.82 4.58 12.66
N SER A 103 25.00 4.97 13.63
CA SER A 103 24.08 4.03 14.28
C SER A 103 23.10 3.41 13.29
N ILE A 104 22.66 4.18 12.29
CA ILE A 104 21.70 3.63 11.32
C ILE A 104 22.36 2.54 10.48
N LEU A 105 23.59 2.80 10.02
CA LEU A 105 24.31 1.81 9.23
C LEU A 105 24.42 0.49 9.98
N PHE A 106 24.79 0.56 11.26
CA PHE A 106 25.03 -0.65 12.03
C PHE A 106 23.78 -1.51 12.10
N GLN A 107 22.63 -0.88 12.28
CA GLN A 107 21.39 -1.64 12.45
C GLN A 107 20.87 -2.17 11.12
N VAL A 108 20.96 -1.38 10.05
CA VAL A 108 20.50 -1.86 8.75
C VAL A 108 21.34 -3.05 8.31
N ALA A 109 22.66 -2.97 8.48
CA ALA A 109 23.52 -4.10 8.15
C ALA A 109 23.08 -5.35 8.91
N PHE A 110 22.83 -5.19 10.22
CA PHE A 110 22.47 -6.35 11.03
C PHE A 110 21.13 -6.93 10.60
N LEU A 111 20.13 -6.08 10.33
CA LEU A 111 18.79 -6.58 10.08
C LEU A 111 18.61 -7.10 8.65
N THR A 112 19.40 -6.59 7.69
CA THR A 112 19.17 -6.90 6.28
C THR A 112 20.34 -7.58 5.57
N GLY A 113 21.57 -7.46 6.06
CA GLY A 113 22.70 -7.96 5.30
C GLY A 113 23.09 -7.13 4.09
N ALA A 114 22.51 -5.94 3.94
CA ALA A 114 22.87 -5.08 2.84
C ALA A 114 24.23 -4.44 3.08
N ARG A 115 24.95 -4.17 2.00
CA ARG A 115 26.12 -3.32 2.08
C ARG A 115 25.69 -1.91 2.47
N CYS A 116 26.41 -1.30 3.41
CA CYS A 116 26.01 -0.02 3.98
C CYS A 116 27.13 1.00 3.79
N VAL A 117 26.77 2.16 3.25
CA VAL A 117 27.72 3.24 2.99
C VAL A 117 27.20 4.49 3.70
N GLY A 118 28.04 5.08 4.53
CA GLY A 118 27.74 6.34 5.19
C GLY A 118 28.65 7.44 4.66
N ILE A 119 28.07 8.61 4.47
CA ILE A 119 28.80 9.81 4.09
C ILE A 119 28.57 10.85 5.18
N GLU A 120 29.64 11.49 5.64
CA GLU A 120 29.54 12.44 6.74
C GLU A 120 30.56 13.55 6.57
N ILE A 121 30.08 14.80 6.66
CA ILE A 121 30.97 15.94 6.47
C ILE A 121 31.77 16.25 7.73
N SER A 122 31.26 15.89 8.90
CA SER A 122 31.96 16.13 10.16
C SER A 122 33.09 15.11 10.30
N GLU A 123 34.33 15.59 10.29
CA GLU A 123 35.47 14.69 10.43
C GLU A 123 35.43 13.99 11.79
N HIS A 124 35.04 14.71 12.83
CA HIS A 124 34.99 14.12 14.16
C HIS A 124 33.93 13.02 14.24
N ASN A 125 32.71 13.30 13.78
CA ASN A 125 31.65 12.30 13.92
C ASN A 125 31.88 11.13 12.98
N ALA A 126 32.49 11.36 11.82
CA ALA A 126 32.88 10.25 10.95
C ALA A 126 33.88 9.34 11.68
N LYS A 127 34.80 9.93 12.43
CA LYS A 127 35.74 9.12 13.21
C LYS A 127 35.01 8.36 14.32
N VAL A 128 34.03 9.00 14.97
CA VAL A 128 33.21 8.30 15.96
C VAL A 128 32.56 7.08 15.32
N ALA A 129 31.98 7.26 14.13
CA ALA A 129 31.28 6.17 13.46
C ALA A 129 32.24 5.02 13.13
N LYS A 130 33.39 5.34 12.57
CA LYS A 130 34.35 4.29 12.19
C LYS A 130 34.80 3.51 13.42
N LYS A 131 35.16 4.21 14.50
CA LYS A 131 35.62 3.54 15.71
C LYS A 131 34.51 2.69 16.33
N ALA A 132 33.27 3.17 16.27
CA ALA A 132 32.17 2.41 16.85
C ALA A 132 31.92 1.12 16.07
N TRP A 133 32.01 1.17 14.73
CA TRP A 133 31.80 -0.03 13.95
C TRP A 133 32.82 -1.11 14.31
N GLU A 134 34.07 -0.73 14.57
CA GLU A 134 35.09 -1.70 14.93
C GLU A 134 34.77 -2.39 16.25
N VAL A 135 34.05 -1.72 17.15
CA VAL A 135 33.68 -2.31 18.42
C VAL A 135 32.41 -3.12 18.30
N ILE A 136 31.42 -2.60 17.57
CA ILE A 136 30.10 -3.21 17.59
C ILE A 136 30.03 -4.41 16.64
N ARG A 137 30.79 -4.40 15.55
CA ARG A 137 30.70 -5.50 14.59
C ARG A 137 30.99 -6.85 15.22
N PRO A 138 32.13 -7.05 15.92
CA PRO A 138 32.34 -8.36 16.56
C PRO A 138 31.22 -8.74 17.51
N GLU A 139 30.69 -7.76 18.24
CA GLU A 139 29.62 -8.07 19.20
C GLU A 139 28.37 -8.55 18.48
N LEU A 140 27.99 -7.86 17.40
CA LEU A 140 26.88 -8.35 16.58
C LEU A 140 27.16 -9.74 16.06
N GLU A 141 28.40 -9.99 15.62
CA GLU A 141 28.72 -11.26 14.99
C GLU A 141 28.74 -12.39 16.01
N GLY A 142 29.25 -12.13 17.21
CA GLY A 142 29.22 -13.14 18.25
C GLY A 142 27.83 -13.39 18.79
N SER A 143 27.06 -12.32 18.94
CA SER A 143 25.70 -12.47 19.47
C SER A 143 24.80 -13.26 18.52
N SER A 144 24.90 -12.99 17.21
CA SER A 144 24.00 -13.58 16.24
C SER A 144 24.56 -14.82 15.55
N GLY A 145 25.87 -15.03 15.58
CA GLY A 145 26.49 -16.12 14.87
C GLY A 145 26.62 -15.93 13.38
N ARG A 146 26.26 -14.75 12.86
CA ARG A 146 26.38 -14.44 11.45
C ARG A 146 27.46 -13.39 11.21
N SER A 147 28.14 -13.49 10.08
CA SER A 147 29.06 -12.44 9.66
C SER A 147 28.26 -11.23 9.18
N MET A 148 28.75 -10.04 9.50
CA MET A 148 28.05 -8.82 9.13
C MET A 148 28.46 -8.39 7.73
N SER A 149 27.54 -7.72 7.06
CA SER A 149 27.86 -7.11 5.78
C SER A 149 28.81 -5.92 5.99
N GLU A 150 29.28 -5.36 4.88
CA GLU A 150 30.28 -4.31 4.93
C GLU A 150 29.65 -2.98 5.29
N VAL A 151 30.33 -2.22 6.14
CA VAL A 151 29.96 -0.85 6.47
C VAL A 151 31.16 0.03 6.16
N ASN A 152 31.00 0.95 5.23
CA ASN A 152 32.06 1.85 4.79
C ASN A 152 31.66 3.28 5.11
N ILE A 153 32.58 4.05 5.69
CA ILE A 153 32.32 5.41 6.13
C ILE A 153 33.21 6.35 5.32
N ILE A 154 32.59 7.31 4.63
CA ILE A 154 33.30 8.28 3.79
C ILE A 154 33.18 9.63 4.46
N THR A 155 34.32 10.26 4.73
CA THR A 155 34.36 11.60 5.29
C THR A 155 34.42 12.60 4.13
N SER A 156 33.31 13.27 3.87
CA SER A 156 33.23 14.18 2.75
C SER A 156 31.91 14.95 2.78
N ASP A 157 31.93 16.14 2.21
CA ASP A 157 30.68 16.77 1.78
C ASP A 157 30.02 15.86 0.76
N MET A 158 28.76 15.51 1.01
CA MET A 158 28.08 14.56 0.13
C MET A 158 27.96 15.07 -1.29
N THR A 159 27.99 16.39 -1.50
CA THR A 159 27.88 16.92 -2.85
C THR A 159 29.07 16.51 -3.71
N LYS A 160 30.25 16.39 -3.11
CA LYS A 160 31.42 15.96 -3.88
C LYS A 160 31.30 14.51 -4.31
N ILE A 161 30.67 13.68 -3.49
CA ILE A 161 30.51 12.27 -3.84
C ILE A 161 29.44 12.11 -4.90
N LEU A 162 28.29 12.76 -4.70
CA LEU A 162 27.15 12.59 -5.61
C LEU A 162 27.37 13.28 -6.95
N ALA A 163 28.38 14.13 -7.08
CA ALA A 163 28.63 14.80 -8.35
C ALA A 163 29.00 13.81 -9.47
N ASP A 164 29.40 12.60 -9.11
CA ASP A 164 29.71 11.56 -10.09
C ASP A 164 28.41 10.94 -10.57
N GLU A 165 28.08 11.14 -11.85
CA GLU A 165 26.85 10.60 -12.41
C GLU A 165 26.83 9.08 -12.40
N ARG A 166 28.00 8.43 -12.28
CA ARG A 166 28.08 6.98 -12.31
C ARG A 166 27.72 6.33 -10.97
N LEU A 167 27.69 7.10 -9.89
CA LEU A 167 27.31 6.56 -8.60
C LEU A 167 25.91 5.96 -8.67
N PHE A 168 25.74 4.82 -8.01
CA PHE A 168 24.47 4.09 -7.90
C PHE A 168 24.13 3.27 -9.14
N GLU A 169 24.75 3.59 -10.28
CA GLU A 169 24.24 3.07 -11.55
C GLU A 169 24.41 1.55 -11.66
N SER A 170 25.53 1.01 -11.16
CA SER A 170 25.74 -0.42 -11.26
C SER A 170 24.78 -1.21 -10.38
N GLU A 171 24.12 -0.56 -9.43
CA GLU A 171 23.22 -1.25 -8.50
C GLU A 171 21.83 -1.53 -9.08
N ARG A 172 21.50 -0.98 -10.24
CA ARG A 172 20.28 -1.35 -10.97
C ARG A 172 19.02 -1.13 -10.13
N GLY A 173 19.01 -0.05 -9.35
CA GLY A 173 17.88 0.29 -8.52
C GLY A 173 17.86 -0.40 -7.18
N LYS A 174 18.75 -1.36 -6.93
CA LYS A 174 18.88 -2.00 -5.63
C LYS A 174 19.62 -1.06 -4.68
N THR A 175 19.00 0.10 -4.46
CA THR A 175 19.64 1.22 -3.80
C THR A 175 18.63 1.85 -2.85
N VAL A 176 19.03 2.03 -1.59
CA VAL A 176 18.21 2.64 -0.57
C VAL A 176 18.98 3.82 0.00
N ILE A 177 18.35 5.00 -0.01
CA ILE A 177 19.00 6.23 0.40
C ILE A 177 18.22 6.86 1.54
N LEU A 178 18.90 7.12 2.64
CA LEU A 178 18.34 7.84 3.78
C LEU A 178 18.93 9.24 3.80
N LEU A 179 18.05 10.23 3.89
CA LEU A 179 18.43 11.65 3.88
C LEU A 179 17.74 12.32 5.06
N SER A 180 18.42 12.39 6.21
CA SER A 180 17.87 13.03 7.40
C SER A 180 18.18 14.52 7.32
N ASN A 181 17.40 15.23 6.51
CA ASN A 181 17.76 16.58 6.04
C ASN A 181 16.90 17.68 6.66
N LEU A 182 16.32 17.46 7.84
CA LEU A 182 15.49 18.50 8.44
C LEU A 182 16.27 19.79 8.62
N LEU A 183 17.55 19.70 8.96
CA LEU A 183 18.37 20.88 9.21
C LEU A 183 19.39 21.13 8.10
N PHE A 184 19.27 20.44 6.96
CA PHE A 184 20.14 20.75 5.83
C PHE A 184 19.76 22.11 5.24
N PRO A 185 20.72 22.84 4.70
CA PRO A 185 20.37 24.07 3.97
C PRO A 185 19.50 23.73 2.76
N LYS A 186 18.58 24.64 2.45
CA LYS A 186 17.68 24.39 1.32
C LYS A 186 18.45 24.15 0.03
N SER A 187 19.61 24.81 -0.14
CA SER A 187 20.38 24.62 -1.36
C SER A 187 20.88 23.18 -1.49
N LEU A 188 21.15 22.52 -0.36
CA LEU A 188 21.61 21.14 -0.42
C LEU A 188 20.46 20.22 -0.77
N THR A 189 19.32 20.39 -0.11
CA THR A 189 18.15 19.58 -0.47
C THR A 189 17.75 19.81 -1.92
N HIS A 190 17.81 21.06 -2.38
CA HIS A 190 17.50 21.32 -3.78
C HIS A 190 18.49 20.60 -4.70
N TYR A 191 19.78 20.70 -4.39
CA TYR A 191 20.77 19.99 -5.19
C TYR A 191 20.46 18.50 -5.24
N LEU A 192 20.16 17.91 -4.08
CA LEU A 192 19.85 16.49 -4.04
C LEU A 192 18.62 16.15 -4.86
N SER A 193 17.61 17.03 -4.85
CA SER A 193 16.39 16.74 -5.62
C SER A 193 16.68 16.71 -7.11
N GLU A 194 17.62 17.52 -7.59
CA GLU A 194 17.99 17.46 -8.99
C GLU A 194 18.75 16.17 -9.29
N ARG A 195 19.72 15.83 -8.43
CA ARG A 195 20.55 14.68 -8.70
C ARG A 195 19.77 13.37 -8.63
N PHE A 196 18.82 13.27 -7.71
CA PHE A 196 18.09 12.02 -7.56
C PHE A 196 17.12 11.76 -8.70
N ARG A 197 16.82 12.76 -9.51
CA ARG A 197 16.05 12.49 -10.73
C ARG A 197 16.78 11.53 -11.64
N ARG A 198 18.11 11.42 -11.50
CA ARG A 198 18.93 10.68 -12.45
C ARG A 198 19.45 9.37 -11.87
N VAL A 199 18.97 8.93 -10.72
CA VAL A 199 19.38 7.63 -10.20
C VAL A 199 18.50 6.55 -10.84
N PRO A 200 18.91 5.28 -10.81
CA PRO A 200 18.17 4.25 -11.55
C PRO A 200 16.79 3.94 -10.99
N SER A 201 15.91 3.47 -11.87
CA SER A 201 14.60 2.97 -11.47
C SER A 201 14.73 1.91 -10.39
N GLY A 202 13.82 1.95 -9.43
CA GLY A 202 13.82 1.03 -8.30
C GLY A 202 14.40 1.63 -7.04
N THR A 203 15.25 2.65 -7.16
CA THR A 203 15.84 3.29 -6.00
C THR A 203 14.75 3.88 -5.10
N ARG A 204 14.94 3.71 -3.79
CA ARG A 204 14.02 4.22 -2.77
C ARG A 204 14.75 5.26 -1.93
N ILE A 205 14.11 6.41 -1.71
CA ILE A 205 14.70 7.54 -1.02
C ILE A 205 13.76 8.01 0.09
N LEU A 206 14.29 8.13 1.31
CA LEU A 206 13.53 8.63 2.46
C LEU A 206 14.08 10.00 2.84
N CYS A 207 13.18 10.98 2.97
CA CYS A 207 13.58 12.33 3.33
C CYS A 207 12.57 12.92 4.29
N PHE A 208 12.96 14.04 4.92
CA PHE A 208 12.14 14.72 5.92
C PHE A 208 11.72 16.11 5.47
N ASP A 209 12.65 16.91 4.96
CA ASP A 209 12.33 18.11 4.19
C ASP A 209 12.15 17.66 2.75
N ASP A 210 10.90 17.66 2.26
CA ASP A 210 10.59 16.92 1.05
C ASP A 210 11.42 17.38 -0.14
N LEU A 211 12.01 16.41 -0.84
CA LEU A 211 12.74 16.72 -2.06
C LEU A 211 11.80 17.14 -3.19
N TYR A 212 10.59 16.59 -3.23
CA TYR A 212 9.63 16.84 -4.30
C TYR A 212 8.30 17.22 -3.66
N PRO A 213 8.18 18.46 -3.18
CA PRO A 213 6.94 18.88 -2.50
C PRO A 213 5.73 18.57 -3.35
N HIS A 214 4.73 17.93 -2.74
CA HIS A 214 3.59 17.44 -3.50
C HIS A 214 2.29 17.52 -2.69
N SER A 215 2.23 18.43 -1.72
CA SER A 215 1.03 18.55 -0.91
C SER A 215 -0.05 19.37 -1.60
N ARG A 216 0.30 20.24 -2.53
CA ARG A 216 -0.67 21.11 -3.17
C ARG A 216 -1.17 20.49 -4.47
N SER A 217 -2.42 20.81 -4.82
CA SER A 217 -3.02 20.22 -6.01
C SER A 217 -2.21 20.54 -7.26
N VAL A 218 -1.59 21.73 -7.32
CA VAL A 218 -0.90 22.17 -8.52
C VAL A 218 0.48 21.55 -8.69
N ALA A 219 0.96 20.79 -7.71
CA ALA A 219 2.32 20.27 -7.78
C ALA A 219 2.57 19.49 -9.06
N ALA A 220 1.59 18.69 -9.49
CA ALA A 220 1.78 17.88 -10.69
C ALA A 220 1.76 18.72 -11.95
N ILE A 221 1.17 19.92 -11.89
CA ILE A 221 1.25 20.85 -13.02
C ILE A 221 2.56 21.63 -12.99
N ARG A 222 3.09 21.90 -11.79
CA ARG A 222 4.31 22.66 -11.65
C ARG A 222 5.54 21.83 -12.01
N ASP A 223 5.51 20.53 -11.68
CA ASP A 223 6.66 19.64 -11.85
C ASP A 223 6.15 18.28 -12.29
N PRO A 224 5.62 18.18 -13.51
CA PRO A 224 5.16 16.87 -13.99
C PRO A 224 6.27 15.84 -14.08
N GLU A 225 7.52 16.27 -14.32
CA GLU A 225 8.61 15.30 -14.38
C GLU A 225 8.75 14.54 -13.06
N ALA A 226 8.62 15.24 -11.93
CA ALA A 226 8.76 14.57 -10.64
C ALA A 226 7.74 13.44 -10.51
N PHE A 227 6.50 13.65 -10.96
CA PHE A 227 5.50 12.61 -10.84
C PHE A 227 5.73 11.47 -11.84
N ARG A 228 6.31 11.78 -13.00
CA ARG A 228 6.65 10.73 -13.95
C ARG A 228 7.81 9.88 -13.45
N LEU A 229 8.71 10.47 -12.66
CA LEU A 229 9.92 9.77 -12.23
C LEU A 229 9.79 9.10 -10.87
N PHE A 230 8.84 9.54 -10.03
CA PHE A 230 8.76 9.05 -8.66
C PHE A 230 7.34 8.66 -8.30
N ALA A 231 7.22 7.55 -7.56
CA ALA A 231 6.02 7.22 -6.81
C ALA A 231 6.21 7.72 -5.38
N MET A 232 5.33 8.61 -4.95
CA MET A 232 5.47 9.36 -3.71
C MET A 232 4.54 8.82 -2.63
N THR A 233 5.07 8.63 -1.43
CA THR A 233 4.27 8.17 -0.30
C THR A 233 4.60 9.01 0.92
N ASP A 234 3.57 9.41 1.66
CA ASP A 234 3.69 10.22 2.86
C ASP A 234 3.50 9.36 4.11
N TYR A 235 4.29 9.64 5.15
CA TYR A 235 4.26 8.88 6.38
C TYR A 235 4.32 9.81 7.58
N ARG A 236 3.94 9.28 8.73
CA ARG A 236 4.22 9.90 10.03
C ARG A 236 5.20 9.00 10.77
N TRP A 237 6.28 9.59 11.28
CA TRP A 237 7.16 8.81 12.13
C TRP A 237 6.45 8.52 13.45
N GLN A 238 6.78 7.37 14.03
CA GLN A 238 6.11 6.97 15.26
C GLN A 238 6.55 7.86 16.42
N GLU A 239 5.62 8.08 17.35
CA GLU A 239 5.94 8.75 18.59
C GLU A 239 7.14 8.08 19.26
N CYS A 240 8.07 8.90 19.73
CA CYS A 240 9.27 8.45 20.44
C CYS A 240 10.19 7.59 19.58
N SER A 241 10.21 7.85 18.26
CA SER A 241 11.10 7.13 17.36
C SER A 241 12.26 7.98 16.84
N VAL A 242 12.28 9.26 17.18
CA VAL A 242 13.38 10.15 16.79
C VAL A 242 13.91 10.82 18.05
N GLU A 243 15.22 11.06 18.07
CA GLU A 243 15.86 11.55 19.29
C GLU A 243 15.37 12.95 19.65
N TRP A 244 15.17 13.80 18.65
CA TRP A 244 14.95 15.22 18.87
C TRP A 244 13.50 15.60 19.19
N CYS A 245 12.64 14.63 19.46
CA CYS A 245 11.22 14.94 19.60
C CYS A 245 10.47 13.71 20.06
N THR A 246 9.65 13.84 21.11
CA THR A 246 8.86 12.73 21.58
C THR A 246 7.63 12.49 20.72
N ARG A 247 7.18 13.48 19.96
CA ARG A 247 5.93 13.38 19.22
C ARG A 247 6.20 12.83 17.81
N ASP A 248 5.15 12.78 17.00
CA ASP A 248 5.26 12.31 15.63
C ASP A 248 5.61 13.48 14.71
N GLY A 249 5.80 13.17 13.43
CA GLY A 249 6.11 14.15 12.42
C GLY A 249 6.15 13.52 11.04
N PRO A 250 6.30 14.34 10.01
CA PRO A 250 6.21 13.81 8.64
C PRO A 250 7.55 13.37 8.06
N PHE A 251 7.48 12.31 7.25
CA PHE A 251 8.58 11.99 6.36
C PHE A 251 7.99 11.38 5.10
N PHE A 252 8.84 11.26 4.09
CA PHE A 252 8.43 10.89 2.74
C PHE A 252 9.37 9.83 2.21
N ILE A 253 8.82 8.88 1.47
CA ILE A 253 9.61 7.92 0.71
C ILE A 253 9.27 8.11 -0.76
N HIS A 254 10.31 8.33 -1.55
CA HIS A 254 10.19 8.45 -3.00
C HIS A 254 10.84 7.24 -3.65
N ARG A 255 10.06 6.53 -4.46
CA ARG A 255 10.55 5.36 -5.19
C ARG A 255 10.67 5.72 -6.66
N ARG A 256 11.84 5.52 -7.24
CA ARG A 256 12.06 5.83 -8.64
C ARG A 256 11.31 4.80 -9.50
N ARG A 257 10.41 5.30 -10.33
CA ARG A 257 9.68 4.46 -11.27
C ARG A 257 10.59 4.09 -12.43
N LYS B 6 -29.09 5.73 10.88
CA LYS B 6 -27.70 5.97 10.48
C LYS B 6 -27.52 5.71 9.00
N GLY B 7 -26.26 5.74 8.56
CA GLY B 7 -25.96 5.54 7.15
C GLY B 7 -24.47 5.61 6.91
N GLU B 8 -24.10 5.58 5.63
CA GLU B 8 -22.71 5.72 5.25
C GLU B 8 -22.19 7.09 5.63
N LEU B 9 -20.94 7.15 6.09
CA LEU B 9 -20.26 8.40 6.39
C LEU B 9 -19.51 8.89 5.16
N GLY B 10 -19.14 10.16 5.19
CA GLY B 10 -18.35 10.72 4.11
C GLY B 10 -19.20 11.30 2.99
N ALA B 11 -18.50 11.66 1.90
CA ALA B 11 -19.14 12.36 0.80
C ALA B 11 -18.90 11.72 -0.57
N GLY B 12 -18.11 10.66 -0.65
CA GLY B 12 -17.81 10.05 -1.93
C GLY B 12 -16.73 10.74 -2.74
N THR B 13 -15.99 11.65 -2.13
CA THR B 13 -14.91 12.37 -2.79
C THR B 13 -13.57 11.76 -2.43
N PRO B 14 -12.51 12.05 -3.19
CA PRO B 14 -11.19 11.55 -2.82
C PRO B 14 -10.78 11.90 -1.39
N HIS B 15 -11.18 13.07 -0.90
CA HIS B 15 -10.81 13.47 0.45
C HIS B 15 -11.75 12.90 1.51
N GLU B 16 -13.02 12.70 1.17
CA GLU B 16 -14.04 12.20 2.10
C GLU B 16 -14.76 11.02 1.47
N PRO B 17 -14.07 9.90 1.26
CA PRO B 17 -14.74 8.75 0.65
C PRO B 17 -15.85 8.22 1.53
N TYR B 18 -16.84 7.61 0.90
CA TYR B 18 -17.92 6.97 1.64
C TYR B 18 -17.36 5.79 2.44
N ASN B 19 -17.70 5.72 3.73
CA ASN B 19 -17.23 4.65 4.57
C ASN B 19 -18.32 4.32 5.59
N LEU B 20 -18.31 3.08 6.08
CA LEU B 20 -19.33 2.58 6.99
C LEU B 20 -18.64 1.88 8.15
N PRO B 21 -18.58 2.53 9.32
CA PRO B 21 -17.97 1.87 10.48
C PRO B 21 -18.69 0.58 10.83
N LEU B 22 -17.93 -0.38 11.35
CA LEU B 22 -18.51 -1.62 11.84
C LEU B 22 -19.38 -1.33 13.06
N ARG B 23 -20.47 -2.08 13.18
CA ARG B 23 -21.28 -2.01 14.39
C ARG B 23 -20.51 -2.63 15.55
N GLY B 24 -20.60 -2.00 16.73
CA GLY B 24 -19.97 -2.58 17.90
C GLY B 24 -20.58 -3.92 18.28
N ASN B 25 -21.88 -4.08 18.06
CA ASN B 25 -22.60 -5.30 18.35
C ASN B 25 -23.26 -5.81 17.08
N PRO B 26 -23.43 -7.13 16.95
CA PRO B 26 -24.01 -7.68 15.72
C PRO B 26 -25.48 -7.29 15.57
N ASN B 27 -25.92 -7.24 14.31
CA ASN B 27 -27.33 -7.08 14.01
C ASN B 27 -28.03 -8.41 14.31
N LYS B 28 -29.32 -8.49 14.00
CA LYS B 28 -30.11 -9.66 14.36
C LYS B 28 -29.61 -10.94 13.70
N SER B 29 -28.88 -10.82 12.59
CA SER B 29 -28.35 -11.96 11.86
C SER B 29 -26.88 -12.24 12.20
N GLY B 30 -26.36 -11.61 13.26
CA GLY B 30 -24.99 -11.84 13.67
C GLY B 30 -23.95 -11.04 12.93
N CYS B 31 -24.35 -10.11 12.08
CA CYS B 31 -23.43 -9.39 11.22
C CYS B 31 -23.09 -8.02 11.79
N HIS B 32 -21.81 -7.70 11.83
CA HIS B 32 -21.33 -6.40 12.28
C HIS B 32 -21.26 -5.37 11.16
N HIS B 33 -21.37 -5.81 9.90
CA HIS B 33 -21.07 -4.95 8.77
C HIS B 33 -22.28 -4.20 8.22
N CYS B 34 -23.40 -4.88 8.10
CA CYS B 34 -24.49 -4.37 7.28
C CYS B 34 -25.23 -3.23 7.97
N LEU B 35 -25.74 -2.32 7.13
CA LEU B 35 -26.62 -1.26 7.60
C LEU B 35 -27.95 -1.82 8.08
N ALA B 36 -28.49 -2.81 7.35
CA ALA B 36 -29.76 -3.41 7.70
C ALA B 36 -29.62 -4.25 8.98
N ASP B 37 -30.75 -4.44 9.67
CA ASP B 37 -30.77 -5.23 10.89
C ASP B 37 -30.81 -6.72 10.62
N GLN B 38 -31.06 -7.14 9.39
CA GLN B 38 -30.99 -8.55 9.00
C GLN B 38 -30.31 -8.63 7.66
N CYS B 39 -29.58 -9.72 7.45
CA CYS B 39 -28.80 -9.91 6.23
C CYS B 39 -28.50 -11.40 6.09
N HIS B 40 -27.79 -11.74 5.02
CA HIS B 40 -27.44 -13.13 4.74
C HIS B 40 -25.93 -13.35 4.76
N CYS B 41 -25.15 -12.42 5.31
CA CYS B 41 -23.70 -12.54 5.24
C CYS B 41 -23.22 -13.79 5.95
N VAL B 42 -23.70 -14.03 7.17
CA VAL B 42 -23.26 -15.19 7.93
C VAL B 42 -23.66 -16.48 7.22
N PHE B 43 -24.92 -16.55 6.77
CA PHE B 43 -25.37 -17.71 6.00
C PHE B 43 -24.42 -17.99 4.84
N PHE B 44 -23.98 -16.94 4.14
CA PHE B 44 -23.15 -17.16 2.96
C PHE B 44 -21.72 -17.52 3.33
N GLU B 45 -21.15 -16.88 4.36
CA GLU B 45 -19.83 -17.32 4.83
C GLU B 45 -19.85 -18.82 5.13
N ARG B 46 -20.88 -19.30 5.82
CA ARG B 46 -20.92 -20.70 6.21
C ARG B 46 -21.22 -21.62 5.03
N LEU B 47 -22.15 -21.22 4.16
CA LEU B 47 -22.51 -22.07 3.03
C LEU B 47 -21.36 -22.17 2.04
N LEU B 48 -20.67 -21.05 1.79
CA LEU B 48 -19.51 -21.08 0.90
C LEU B 48 -18.41 -21.96 1.46
N ASP B 49 -18.10 -21.78 2.75
CA ASP B 49 -17.04 -22.59 3.36
C ASP B 49 -17.37 -24.08 3.25
N ALA B 50 -18.62 -24.44 3.52
CA ALA B 50 -19.00 -25.86 3.43
C ALA B 50 -18.90 -26.36 2.00
N THR B 51 -19.32 -25.55 1.03
CA THR B 51 -19.26 -25.99 -0.36
C THR B 51 -17.82 -26.28 -0.78
N PHE B 52 -16.91 -25.35 -0.53
CA PHE B 52 -15.55 -25.50 -1.02
C PHE B 52 -14.73 -26.51 -0.23
N ARG B 53 -15.09 -26.75 1.03
CA ARG B 53 -14.45 -27.84 1.78
C ARG B 53 -14.88 -29.20 1.23
N ARG B 54 -16.11 -29.29 0.72
CA ARG B 54 -16.60 -30.57 0.19
C ARG B 54 -15.95 -30.89 -1.15
N LEU B 55 -15.89 -29.90 -2.05
CA LEU B 55 -15.40 -30.15 -3.40
C LEU B 55 -14.00 -30.75 -3.37
N ASP B 56 -13.83 -31.89 -4.06
CA ASP B 56 -12.50 -32.49 -4.16
C ASP B 56 -11.54 -31.58 -4.92
N ILE B 57 -12.06 -30.77 -5.83
CA ILE B 57 -11.26 -29.77 -6.54
C ILE B 57 -11.39 -28.46 -5.76
N LYS B 58 -10.26 -27.79 -5.55
CA LYS B 58 -10.19 -26.60 -4.70
C LYS B 58 -9.43 -25.49 -5.41
N ARG B 59 -9.78 -24.25 -5.07
CA ARG B 59 -9.18 -23.08 -5.70
C ARG B 59 -7.67 -23.07 -5.55
N SER B 73 -9.54 -11.70 -2.77
CA SER B 73 -10.88 -12.20 -2.59
C SER B 73 -11.83 -11.32 -1.73
N LEU B 74 -13.04 -11.10 -2.20
CA LEU B 74 -13.98 -10.28 -1.52
C LEU B 74 -14.92 -11.14 -0.67
N LEU B 75 -15.19 -10.73 0.55
CA LEU B 75 -16.01 -11.51 1.42
C LEU B 75 -17.52 -11.19 1.33
N PRO B 76 -18.39 -12.12 1.87
CA PRO B 76 -19.83 -11.84 1.73
C PRO B 76 -20.26 -10.50 2.28
N THR B 77 -19.61 -10.00 3.33
CA THR B 77 -19.96 -8.66 3.83
C THR B 77 -19.66 -7.58 2.80
N PHE B 78 -18.59 -7.76 2.02
CA PHE B 78 -18.34 -6.81 0.94
C PHE B 78 -19.44 -6.89 -0.10
N VAL B 79 -19.85 -8.10 -0.47
CA VAL B 79 -20.83 -8.29 -1.54
C VAL B 79 -22.17 -7.70 -1.13
N SER B 80 -22.56 -7.88 0.14
CA SER B 80 -23.85 -7.36 0.60
C SER B 80 -23.88 -5.83 0.49
N ARG B 81 -22.79 -5.17 0.86
CA ARG B 81 -22.70 -3.72 0.69
C ARG B 81 -22.65 -3.35 -0.78
N MET B 82 -21.88 -4.08 -1.57
CA MET B 82 -21.76 -3.78 -3.00
C MET B 82 -23.13 -3.81 -3.69
N VAL B 83 -23.97 -4.78 -3.35
CA VAL B 83 -25.27 -4.89 -4.01
C VAL B 83 -26.09 -3.63 -3.80
N ARG B 84 -26.02 -3.04 -2.60
CA ARG B 84 -26.73 -1.80 -2.33
C ARG B 84 -26.09 -0.64 -3.07
N LEU B 85 -24.76 -0.50 -2.94
CA LEU B 85 -24.08 0.66 -3.53
C LEU B 85 -24.30 0.72 -5.03
N MET B 86 -24.32 -0.44 -5.67
CA MET B 86 -24.34 -0.55 -7.11
C MET B 86 -25.76 -0.67 -7.66
N GLU B 87 -26.76 -0.64 -6.76
CA GLU B 87 -28.17 -0.62 -7.14
C GLU B 87 -28.49 -1.76 -8.10
N ILE B 88 -27.99 -2.95 -7.77
CA ILE B 88 -28.17 -4.12 -8.62
C ILE B 88 -29.60 -4.61 -8.47
N THR B 89 -30.33 -4.67 -9.58
CA THR B 89 -31.70 -5.14 -9.62
C THR B 89 -31.76 -6.43 -10.43
N SER B 90 -32.92 -7.09 -10.36
CA SER B 90 -33.12 -8.31 -11.12
C SER B 90 -33.11 -8.06 -12.62
N GLU B 91 -33.29 -6.81 -13.05
CA GLU B 91 -33.20 -6.48 -14.47
C GLU B 91 -31.77 -6.32 -14.94
N ASP B 92 -30.82 -6.18 -14.01
CA ASP B 92 -29.42 -6.01 -14.34
C ASP B 92 -28.78 -7.34 -14.73
N THR B 93 -27.69 -7.24 -15.49
CA THR B 93 -26.77 -8.35 -15.70
C THR B 93 -25.48 -8.01 -14.97
N PHE B 94 -25.08 -8.88 -14.05
CA PHE B 94 -23.88 -8.68 -13.25
C PHE B 94 -22.72 -9.48 -13.83
N TYR B 95 -21.60 -8.80 -14.04
CA TYR B 95 -20.38 -9.42 -14.57
C TYR B 95 -19.29 -9.36 -13.52
N ASP B 96 -18.71 -10.50 -13.18
CA ASP B 96 -17.50 -10.55 -12.36
C ASP B 96 -16.34 -10.87 -13.31
N LEU B 97 -15.51 -9.86 -13.58
CA LEU B 97 -14.36 -10.01 -14.46
C LEU B 97 -13.20 -10.49 -13.60
N GLY B 98 -12.87 -11.77 -13.72
CA GLY B 98 -11.97 -12.42 -12.80
C GLY B 98 -12.73 -13.03 -11.64
N CYS B 99 -13.63 -13.97 -11.94
CA CYS B 99 -14.60 -14.42 -10.95
C CYS B 99 -14.05 -15.46 -9.99
N GLY B 100 -12.85 -15.98 -10.21
CA GLY B 100 -12.29 -16.94 -9.28
C GLY B 100 -13.18 -18.17 -9.16
N ASN B 101 -13.52 -18.53 -7.92
CA ASN B 101 -14.35 -19.70 -7.66
C ASN B 101 -15.84 -19.41 -7.77
N GLY B 102 -16.22 -18.21 -8.21
CA GLY B 102 -17.61 -17.87 -8.43
C GLY B 102 -18.37 -17.40 -7.20
N SER B 103 -17.70 -17.28 -6.05
CA SER B 103 -18.41 -16.99 -4.82
C SER B 103 -19.19 -15.68 -4.92
N ILE B 104 -18.66 -14.68 -5.63
CA ILE B 104 -19.38 -13.42 -5.76
C ILE B 104 -20.64 -13.62 -6.59
N LEU B 105 -20.53 -14.36 -7.69
CA LEU B 105 -21.70 -14.60 -8.55
C LEU B 105 -22.83 -15.23 -7.77
N PHE B 106 -22.52 -16.25 -6.96
CA PHE B 106 -23.58 -16.98 -6.28
C PHE B 106 -24.35 -16.07 -5.35
N GLN B 107 -23.65 -15.16 -4.66
CA GLN B 107 -24.30 -14.30 -3.69
C GLN B 107 -25.11 -13.19 -4.37
N VAL B 108 -24.57 -12.59 -5.44
CA VAL B 108 -25.33 -11.55 -6.13
C VAL B 108 -26.60 -12.14 -6.74
N ALA B 109 -26.49 -13.33 -7.35
CA ALA B 109 -27.68 -13.95 -7.92
C ALA B 109 -28.75 -14.16 -6.86
N PHE B 110 -28.34 -14.59 -5.66
CA PHE B 110 -29.30 -14.87 -4.60
C PHE B 110 -29.95 -13.59 -4.07
N LEU B 111 -29.15 -12.53 -3.88
CA LEU B 111 -29.68 -11.32 -3.27
C LEU B 111 -30.48 -10.46 -4.23
N THR B 112 -30.23 -10.55 -5.53
CA THR B 112 -30.80 -9.62 -6.50
C THR B 112 -31.63 -10.27 -7.60
N GLY B 113 -31.39 -11.52 -7.93
CA GLY B 113 -32.08 -12.13 -9.06
C GLY B 113 -31.56 -11.69 -10.40
N ALA B 114 -30.44 -10.96 -10.42
CA ALA B 114 -29.82 -10.58 -11.67
C ALA B 114 -29.21 -11.79 -12.36
N ARG B 115 -29.18 -11.76 -13.69
CA ARG B 115 -28.36 -12.70 -14.42
C ARG B 115 -26.90 -12.42 -14.13
N CYS B 116 -26.13 -13.48 -13.88
CA CYS B 116 -24.76 -13.35 -13.41
C CYS B 116 -23.81 -14.07 -14.35
N VAL B 117 -22.78 -13.36 -14.81
CA VAL B 117 -21.79 -13.88 -15.73
C VAL B 117 -20.41 -13.67 -15.12
N GLY B 118 -19.64 -14.74 -15.05
CA GLY B 118 -18.27 -14.66 -14.56
C GLY B 118 -17.31 -15.02 -15.68
N ILE B 119 -16.16 -14.34 -15.70
CA ILE B 119 -15.10 -14.63 -16.66
C ILE B 119 -13.84 -14.93 -15.87
N GLU B 120 -13.22 -16.06 -16.17
CA GLU B 120 -12.06 -16.54 -15.43
C GLU B 120 -11.07 -17.13 -16.41
N ILE B 121 -9.80 -16.71 -16.30
CA ILE B 121 -8.78 -17.17 -17.22
C ILE B 121 -8.30 -18.58 -16.87
N SER B 122 -8.33 -18.95 -15.59
CA SER B 122 -7.88 -20.26 -15.16
C SER B 122 -8.95 -21.31 -15.41
N GLU B 123 -8.62 -22.31 -16.23
CA GLU B 123 -9.57 -23.40 -16.47
C GLU B 123 -9.88 -24.14 -15.18
N HIS B 124 -8.87 -24.32 -14.32
CA HIS B 124 -9.10 -24.96 -13.04
C HIS B 124 -10.10 -24.19 -12.19
N ASN B 125 -9.85 -22.88 -12.00
CA ASN B 125 -10.75 -22.09 -11.18
C ASN B 125 -12.16 -22.07 -11.76
N ALA B 126 -12.29 -21.91 -13.08
CA ALA B 126 -13.60 -21.92 -13.71
C ALA B 126 -14.29 -23.26 -13.48
N LYS B 127 -13.53 -24.35 -13.50
CA LYS B 127 -14.10 -25.66 -13.20
C LYS B 127 -14.60 -25.71 -11.76
N VAL B 128 -13.83 -25.16 -10.82
CA VAL B 128 -14.28 -25.10 -9.43
C VAL B 128 -15.60 -24.34 -9.35
N ALA B 129 -15.68 -23.18 -10.00
CA ALA B 129 -16.88 -22.36 -9.92
C ALA B 129 -18.10 -23.11 -10.45
N LYS B 130 -17.95 -23.74 -11.62
CA LYS B 130 -19.09 -24.45 -12.22
C LYS B 130 -19.60 -25.55 -11.29
N LYS B 131 -18.68 -26.30 -10.67
CA LYS B 131 -19.09 -27.39 -9.79
C LYS B 131 -19.69 -26.85 -8.50
N ALA B 132 -19.15 -25.74 -7.99
CA ALA B 132 -19.72 -25.12 -6.80
C ALA B 132 -21.16 -24.68 -7.03
N TRP B 133 -21.46 -24.17 -8.24
CA TRP B 133 -22.82 -23.75 -8.55
C TRP B 133 -23.77 -24.94 -8.60
N GLU B 134 -23.29 -26.08 -9.11
CA GLU B 134 -24.10 -27.29 -9.12
C GLU B 134 -24.50 -27.70 -7.70
N VAL B 135 -23.60 -27.46 -6.74
CA VAL B 135 -23.85 -27.83 -5.37
C VAL B 135 -24.66 -26.75 -4.65
N ILE B 136 -24.35 -25.48 -4.94
CA ILE B 136 -24.90 -24.39 -4.12
C ILE B 136 -26.31 -24.02 -4.56
N ARG B 137 -26.61 -24.11 -5.86
CA ARG B 137 -27.92 -23.63 -6.31
C ARG B 137 -29.07 -24.36 -5.62
N PRO B 138 -29.06 -25.70 -5.47
CA PRO B 138 -30.17 -26.35 -4.77
C PRO B 138 -30.32 -25.88 -3.33
N GLU B 139 -29.20 -25.63 -2.64
CA GLU B 139 -29.28 -25.17 -1.25
C GLU B 139 -29.95 -23.81 -1.18
N LEU B 140 -29.57 -22.89 -2.07
CA LEU B 140 -30.19 -21.57 -2.08
C LEU B 140 -31.67 -21.66 -2.39
N GLU B 141 -32.03 -22.50 -3.37
CA GLU B 141 -33.44 -22.65 -3.74
C GLU B 141 -34.26 -23.23 -2.59
N GLY B 142 -33.72 -24.24 -1.90
CA GLY B 142 -34.48 -24.90 -0.86
C GLY B 142 -34.68 -24.05 0.38
N SER B 143 -33.65 -23.29 0.77
CA SER B 143 -33.78 -22.42 1.94
C SER B 143 -34.71 -21.26 1.66
N SER B 144 -34.44 -20.51 0.59
CA SER B 144 -35.23 -19.32 0.28
C SER B 144 -36.63 -19.66 -0.24
N GLY B 145 -36.82 -20.85 -0.80
CA GLY B 145 -38.09 -21.20 -1.39
C GLY B 145 -38.37 -20.58 -2.74
N ARG B 146 -37.46 -19.76 -3.28
CA ARG B 146 -37.64 -19.15 -4.58
C ARG B 146 -36.57 -19.64 -5.53
N SER B 147 -36.77 -19.33 -6.82
CA SER B 147 -35.92 -19.83 -7.88
C SER B 147 -34.78 -18.85 -8.16
N MET B 148 -33.62 -19.39 -8.48
CA MET B 148 -32.47 -18.55 -8.74
C MET B 148 -32.46 -18.05 -10.18
N SER B 149 -31.78 -16.94 -10.37
CA SER B 149 -31.42 -16.42 -11.68
C SER B 149 -30.25 -17.21 -12.27
N GLU B 150 -29.97 -16.96 -13.54
CA GLU B 150 -28.93 -17.73 -14.25
C GLU B 150 -27.52 -17.29 -13.87
N VAL B 151 -26.60 -18.25 -13.64
CA VAL B 151 -25.20 -17.99 -13.46
C VAL B 151 -24.40 -18.68 -14.57
N ASN B 152 -23.64 -17.94 -15.34
CA ASN B 152 -22.86 -18.49 -16.42
C ASN B 152 -21.37 -18.24 -16.23
N ILE B 153 -20.54 -19.26 -16.42
CA ILE B 153 -19.11 -19.11 -16.25
C ILE B 153 -18.37 -19.26 -17.57
N ILE B 154 -17.62 -18.26 -17.97
CA ILE B 154 -16.86 -18.25 -19.23
C ILE B 154 -15.38 -18.41 -18.90
N THR B 155 -14.76 -19.41 -19.52
CA THR B 155 -13.33 -19.65 -19.34
C THR B 155 -12.59 -18.92 -20.45
N SER B 156 -11.89 -17.84 -20.09
CA SER B 156 -11.18 -17.05 -21.08
C SER B 156 -10.42 -15.89 -20.45
N ASP B 157 -9.34 -15.45 -21.09
CA ASP B 157 -8.80 -14.13 -20.84
C ASP B 157 -9.88 -13.11 -21.12
N MET B 158 -10.13 -12.21 -20.16
CA MET B 158 -11.24 -11.27 -20.32
C MET B 158 -11.01 -10.32 -21.48
N THR B 159 -9.74 -10.05 -21.82
CA THR B 159 -9.47 -9.13 -22.93
C THR B 159 -10.00 -9.68 -24.23
N LYS B 160 -10.04 -11.01 -24.38
CA LYS B 160 -10.57 -11.60 -25.61
C LYS B 160 -12.08 -11.40 -25.70
N ILE B 161 -12.78 -11.46 -24.57
CA ILE B 161 -14.24 -11.30 -24.59
C ILE B 161 -14.60 -9.83 -24.73
N LEU B 162 -13.85 -8.94 -24.08
CA LEU B 162 -14.19 -7.52 -24.11
C LEU B 162 -13.78 -6.86 -25.43
N ALA B 163 -12.93 -7.51 -26.22
CA ALA B 163 -12.57 -6.97 -27.52
C ALA B 163 -13.75 -6.86 -28.47
N ASP B 164 -14.89 -7.48 -28.15
CA ASP B 164 -16.08 -7.37 -28.97
C ASP B 164 -16.87 -6.14 -28.53
N GLU B 165 -16.94 -5.14 -29.40
CA GLU B 165 -17.65 -3.91 -29.08
C GLU B 165 -19.12 -4.16 -28.78
N ARG B 166 -19.69 -5.28 -29.23
CA ARG B 166 -21.12 -5.54 -29.06
C ARG B 166 -21.47 -6.03 -27.66
N LEU B 167 -20.49 -6.45 -26.87
CA LEU B 167 -20.75 -6.90 -25.51
C LEU B 167 -21.38 -5.79 -24.68
N PHE B 168 -22.38 -6.16 -23.87
CA PHE B 168 -23.12 -5.28 -22.97
C PHE B 168 -24.18 -4.43 -23.68
N GLU B 169 -24.07 -4.29 -25.00
CA GLU B 169 -24.84 -3.25 -25.68
C GLU B 169 -26.34 -3.52 -25.61
N SER B 170 -26.76 -4.79 -25.75
CA SER B 170 -28.19 -5.06 -25.70
C SER B 170 -28.81 -4.81 -24.33
N GLU B 171 -27.99 -4.73 -23.28
CA GLU B 171 -28.49 -4.55 -21.93
C GLU B 171 -28.89 -3.12 -21.62
N ARG B 172 -28.59 -2.17 -22.50
CA ARG B 172 -29.08 -0.79 -22.37
C ARG B 172 -28.71 -0.19 -21.01
N GLY B 173 -27.50 -0.51 -20.53
CA GLY B 173 -27.01 0.06 -19.30
C GLY B 173 -27.42 -0.67 -18.05
N LYS B 174 -28.28 -1.68 -18.16
CA LYS B 174 -28.64 -2.54 -17.04
C LYS B 174 -27.52 -3.57 -16.84
N THR B 175 -26.34 -3.03 -16.53
CA THR B 175 -25.08 -3.76 -16.52
C THR B 175 -24.30 -3.31 -15.30
N VAL B 176 -23.83 -4.28 -14.52
CA VAL B 176 -23.02 -4.02 -13.34
C VAL B 176 -21.76 -4.85 -13.47
N ILE B 177 -20.61 -4.21 -13.36
CA ILE B 177 -19.32 -4.83 -13.62
C ILE B 177 -18.46 -4.72 -12.37
N LEU B 178 -18.03 -5.86 -11.84
CA LEU B 178 -17.04 -5.92 -10.78
C LEU B 178 -15.69 -6.27 -11.38
N LEU B 179 -14.69 -5.46 -11.08
CA LEU B 179 -13.32 -5.63 -11.59
C LEU B 179 -12.41 -5.69 -10.37
N SER B 180 -12.10 -6.90 -9.90
CA SER B 180 -11.26 -7.06 -8.71
C SER B 180 -9.81 -7.07 -9.18
N ASN B 181 -9.31 -5.88 -9.51
CA ASN B 181 -8.05 -5.72 -10.22
C ASN B 181 -6.91 -5.24 -9.33
N LEU B 182 -7.01 -5.44 -8.01
CA LEU B 182 -5.94 -4.98 -7.14
C LEU B 182 -4.61 -5.60 -7.52
N LEU B 183 -4.61 -6.89 -7.88
CA LEU B 183 -3.40 -7.59 -8.30
C LEU B 183 -3.21 -7.61 -9.81
N PHE B 184 -4.06 -6.92 -10.57
CA PHE B 184 -3.94 -6.94 -12.02
C PHE B 184 -2.74 -6.11 -12.46
N PRO B 185 -2.09 -6.49 -13.55
CA PRO B 185 -1.07 -5.59 -14.13
C PRO B 185 -1.72 -4.35 -14.70
N LYS B 186 -0.93 -3.27 -14.75
CA LYS B 186 -1.48 -1.99 -15.21
C LYS B 186 -1.91 -2.09 -16.67
N SER B 187 -1.17 -2.82 -17.49
CA SER B 187 -1.60 -3.06 -18.87
C SER B 187 -3.07 -3.46 -18.92
N LEU B 188 -3.45 -4.47 -18.13
CA LEU B 188 -4.82 -4.95 -18.16
C LEU B 188 -5.79 -3.87 -17.70
N THR B 189 -5.51 -3.24 -16.56
CA THR B 189 -6.39 -2.17 -16.09
C THR B 189 -6.47 -1.04 -17.09
N HIS B 190 -5.36 -0.76 -17.79
CA HIS B 190 -5.36 0.33 -18.76
C HIS B 190 -6.21 0.00 -19.97
N TYR B 191 -6.06 -1.21 -20.53
CA TYR B 191 -6.94 -1.61 -21.61
C TYR B 191 -8.40 -1.43 -21.22
N LEU B 192 -8.74 -1.88 -20.01
CA LEU B 192 -10.14 -1.87 -19.59
C LEU B 192 -10.68 -0.45 -19.47
N SER B 193 -9.86 0.47 -18.94
CA SER B 193 -10.31 1.86 -18.84
C SER B 193 -10.71 2.40 -20.21
N GLU B 194 -9.96 2.02 -21.26
CA GLU B 194 -10.33 2.46 -22.60
C GLU B 194 -11.63 1.80 -23.05
N ARG B 195 -11.72 0.48 -22.88
CA ARG B 195 -12.90 -0.24 -23.36
C ARG B 195 -14.15 0.20 -22.60
N PHE B 196 -14.03 0.50 -21.31
CA PHE B 196 -15.22 0.83 -20.53
C PHE B 196 -15.75 2.23 -20.85
N ARG B 197 -14.96 3.07 -21.51
CA ARG B 197 -15.48 4.34 -22.02
C ARG B 197 -16.62 4.13 -23.00
N ARG B 198 -16.71 2.94 -23.59
CA ARG B 198 -17.61 2.69 -24.72
C ARG B 198 -18.79 1.80 -24.36
N VAL B 199 -19.00 1.51 -23.08
CA VAL B 199 -20.15 0.72 -22.67
C VAL B 199 -21.36 1.64 -22.54
N PRO B 200 -22.58 1.12 -22.53
CA PRO B 200 -23.76 1.99 -22.56
C PRO B 200 -23.93 2.82 -21.31
N SER B 201 -24.62 3.95 -21.49
CA SER B 201 -25.01 4.80 -20.37
CA SER B 201 -25.01 4.81 -20.37
C SER B 201 -25.81 3.99 -19.36
N GLY B 202 -25.53 4.22 -18.08
CA GLY B 202 -26.18 3.52 -17.00
C GLY B 202 -25.34 2.43 -16.37
N THR B 203 -24.38 1.88 -17.12
CA THR B 203 -23.52 0.82 -16.59
C THR B 203 -22.79 1.33 -15.35
N ARG B 204 -22.69 0.46 -14.34
CA ARG B 204 -21.96 0.76 -13.12
C ARG B 204 -20.76 -0.19 -13.02
N ILE B 205 -19.61 0.37 -12.64
CA ILE B 205 -18.35 -0.35 -12.64
C ILE B 205 -17.64 -0.14 -11.30
N LEU B 206 -17.28 -1.23 -10.64
CA LEU B 206 -16.54 -1.20 -9.38
C LEU B 206 -15.12 -1.67 -9.64
N CYS B 207 -14.14 -0.89 -9.19
CA CYS B 207 -12.73 -1.24 -9.34
C CYS B 207 -11.96 -0.83 -8.10
N PHE B 208 -10.74 -1.37 -7.97
CA PHE B 208 -9.87 -1.13 -6.82
C PHE B 208 -8.63 -0.35 -7.20
N ASP B 209 -7.88 -0.81 -8.20
CA ASP B 209 -6.89 0.03 -8.87
C ASP B 209 -7.64 0.89 -9.88
N ASP B 210 -7.63 2.21 -9.67
CA ASP B 210 -8.63 3.05 -10.30
C ASP B 210 -8.45 3.09 -11.82
N LEU B 211 -9.53 2.78 -12.54
CA LEU B 211 -9.52 2.89 -14.00
C LEU B 211 -9.34 4.34 -14.45
N TYR B 212 -9.81 5.31 -13.68
CA TYR B 212 -9.78 6.73 -14.04
C TYR B 212 -9.25 7.51 -12.86
N PRO B 213 -7.94 7.47 -12.61
CA PRO B 213 -7.36 8.20 -11.47
C PRO B 213 -7.86 9.64 -11.43
N HIS B 214 -8.39 10.03 -10.25
CA HIS B 214 -8.97 11.36 -10.11
C HIS B 214 -8.74 11.94 -8.72
N SER B 215 -7.70 11.51 -8.01
CA SER B 215 -7.45 12.03 -6.68
C SER B 215 -7.04 13.50 -6.70
N ARG B 216 -6.56 14.00 -7.83
CA ARG B 216 -6.09 15.38 -7.95
C ARG B 216 -7.12 16.21 -8.69
N SER B 217 -7.24 17.48 -8.29
CA SER B 217 -8.14 18.40 -8.98
C SER B 217 -7.82 18.49 -10.46
N VAL B 218 -6.54 18.32 -10.83
CA VAL B 218 -6.13 18.38 -12.22
C VAL B 218 -6.62 17.20 -13.05
N ALA B 219 -7.21 16.19 -12.40
CA ALA B 219 -7.70 15.04 -13.15
C ALA B 219 -8.67 15.45 -14.25
N ALA B 220 -9.69 16.22 -13.89
CA ALA B 220 -10.69 16.64 -14.88
C ALA B 220 -10.09 17.50 -15.98
N ILE B 221 -8.88 18.05 -15.77
CA ILE B 221 -8.27 18.88 -16.80
C ILE B 221 -7.57 18.02 -17.84
N ARG B 222 -6.81 17.01 -17.41
CA ARG B 222 -6.11 16.18 -18.38
C ARG B 222 -7.03 15.18 -19.07
N ASP B 223 -8.12 14.78 -18.44
CA ASP B 223 -9.05 13.80 -19.00
C ASP B 223 -10.47 14.31 -18.86
N PRO B 224 -10.83 15.33 -19.64
CA PRO B 224 -12.23 15.79 -19.61
C PRO B 224 -13.22 14.75 -20.08
N GLU B 225 -12.81 13.88 -21.01
CA GLU B 225 -13.72 12.83 -21.49
C GLU B 225 -14.19 11.96 -20.35
N ALA B 226 -13.26 11.52 -19.49
CA ALA B 226 -13.61 10.62 -18.40
C ALA B 226 -14.72 11.21 -17.53
N PHE B 227 -14.60 12.49 -17.19
CA PHE B 227 -15.59 13.11 -16.33
C PHE B 227 -16.88 13.39 -17.08
N ARG B 228 -16.80 13.60 -18.39
CA ARG B 228 -18.02 13.70 -19.19
C ARG B 228 -18.71 12.35 -19.31
N LEU B 229 -17.97 11.25 -19.34
CA LEU B 229 -18.58 9.93 -19.52
C LEU B 229 -18.95 9.25 -18.20
N PHE B 230 -18.32 9.61 -17.09
CA PHE B 230 -18.50 8.90 -15.84
C PHE B 230 -18.82 9.83 -14.69
N ALA B 231 -19.72 9.38 -13.82
CA ALA B 231 -19.88 9.92 -12.47
C ALA B 231 -19.06 9.06 -11.52
N MET B 232 -18.18 9.70 -10.76
CA MET B 232 -17.10 9.05 -10.05
C MET B 232 -17.33 9.14 -8.55
N THR B 233 -17.29 8.01 -7.85
CA THR B 233 -17.50 7.99 -6.40
C THR B 233 -16.41 7.17 -5.73
N ASP B 234 -15.87 7.69 -4.62
CA ASP B 234 -14.81 7.04 -3.87
C ASP B 234 -15.37 6.40 -2.61
N TYR B 235 -14.88 5.20 -2.29
CA TYR B 235 -15.31 4.47 -1.11
C TYR B 235 -14.11 3.90 -0.38
N ARG B 236 -14.34 3.53 0.88
CA ARG B 236 -13.45 2.67 1.64
C ARG B 236 -14.18 1.36 1.91
N TRP B 237 -13.53 0.24 1.65
CA TRP B 237 -14.15 -1.04 2.01
C TRP B 237 -14.14 -1.17 3.53
N GLN B 238 -15.11 -1.91 4.05
CA GLN B 238 -15.22 -2.07 5.49
C GLN B 238 -14.10 -2.97 6.01
N GLU B 239 -13.66 -2.70 7.23
CA GLU B 239 -12.65 -3.56 7.87
C GLU B 239 -13.12 -5.01 7.85
N CYS B 240 -12.19 -5.91 7.58
CA CYS B 240 -12.44 -7.36 7.55
C CYS B 240 -13.49 -7.76 6.52
N SER B 241 -13.69 -6.98 5.47
CA SER B 241 -14.60 -7.35 4.39
C SER B 241 -13.88 -7.87 3.16
N VAL B 242 -12.54 -7.84 3.15
CA VAL B 242 -11.74 -8.43 2.09
C VAL B 242 -10.80 -9.44 2.73
N GLU B 243 -10.54 -10.52 1.99
CA GLU B 243 -9.77 -11.62 2.57
C GLU B 243 -8.33 -11.22 2.83
N TRP B 244 -7.81 -10.25 2.07
CA TRP B 244 -6.37 -9.99 2.02
C TRP B 244 -5.87 -9.09 3.14
N CYS B 245 -6.75 -8.50 3.95
CA CYS B 245 -6.30 -7.70 5.08
C CYS B 245 -7.45 -7.58 6.08
N THR B 246 -7.21 -6.81 7.14
CA THR B 246 -8.22 -6.51 8.15
C THR B 246 -8.60 -5.05 8.23
N ARG B 247 -7.74 -4.15 7.79
CA ARG B 247 -8.05 -2.72 7.79
C ARG B 247 -8.94 -2.40 6.58
N ASP B 248 -9.23 -1.13 6.37
CA ASP B 248 -10.00 -0.70 5.22
C ASP B 248 -9.07 -0.49 4.02
N GLY B 249 -9.64 -0.01 2.92
CA GLY B 249 -8.89 0.33 1.74
C GLY B 249 -9.79 0.97 0.71
N PRO B 250 -9.22 1.54 -0.35
CA PRO B 250 -10.03 2.26 -1.33
C PRO B 250 -10.61 1.36 -2.41
N PHE B 251 -11.81 1.74 -2.86
CA PHE B 251 -12.36 1.23 -4.10
C PHE B 251 -13.24 2.33 -4.68
N PHE B 252 -13.61 2.17 -5.94
CA PHE B 252 -14.31 3.19 -6.69
C PHE B 252 -15.47 2.58 -7.47
N ILE B 253 -16.53 3.36 -7.61
CA ILE B 253 -17.65 3.00 -8.48
C ILE B 253 -17.76 4.09 -9.53
N HIS B 254 -17.67 3.68 -10.79
CA HIS B 254 -17.79 4.58 -11.93
C HIS B 254 -19.12 4.25 -12.61
N ARG B 255 -19.98 5.26 -12.71
CA ARG B 255 -21.28 5.11 -13.36
C ARG B 255 -21.27 5.85 -14.68
N ARG B 256 -21.62 5.16 -15.75
CA ARG B 256 -21.64 5.78 -17.07
C ARG B 256 -22.82 6.73 -17.16
N ARG B 257 -22.51 8.01 -17.39
CA ARG B 257 -23.51 9.05 -17.56
C ARG B 257 -24.23 8.86 -18.89
N SAH C . 21.85 9.73 9.59
CA SAH C . 21.94 9.85 11.04
CB SAH C . 22.39 11.25 11.47
CG SAH C . 21.62 12.36 10.76
SD SAH C . 21.96 14.00 11.44
C SAH C . 20.58 9.54 11.66
O SAH C . 20.48 9.09 12.80
OXT SAH C . 19.56 9.73 11.00
C5' SAH C . 22.45 14.72 9.84
C4' SAH C . 23.93 14.60 9.54
O4' SAH C . 24.22 15.10 8.24
C3' SAH C . 24.84 15.38 10.50
O3' SAH C . 25.74 14.51 11.13
C2' SAH C . 25.62 16.38 9.64
O2' SAH C . 26.96 16.52 10.00
C1' SAH C . 25.49 15.75 8.25
N9 SAH C . 25.65 16.65 7.12
C8 SAH C . 25.16 17.90 6.93
N7 SAH C . 25.57 18.34 5.72
C5 SAH C . 26.31 17.37 5.14
C6 SAH C . 26.98 17.29 3.93
N6 SAH C . 26.94 18.29 3.07
N1 SAH C . 27.67 16.13 3.63
C2 SAH C . 27.72 15.08 4.50
N3 SAH C . 27.06 15.17 5.71
C4 SAH C . 26.38 16.30 6.02
H2 SAH C . 28.27 14.17 4.24
HN1 SAH C . 22.57 9.98 9.18
HN2 SAH C . 21.12 9.36 9.31
HA SAH C . 22.60 9.21 11.38
HB1 SAH C . 23.45 11.36 11.25
HB2 SAH C . 22.25 11.35 12.54
HG1 SAH C . 20.55 12.16 10.86
HG2 SAH C . 21.86 12.34 9.70
H5'1 SAH C . 22.18 15.77 9.85
H5'2 SAH C . 21.88 14.27 9.03
H4' SAH C . 24.21 13.55 9.59
H3' SAH C . 24.24 15.92 11.23
HO3' SAH C . 26.66 14.73 10.88
H2' SAH C . 25.11 17.35 9.65
HO2' SAH C . 27.53 16.21 9.27
H1' SAH C . 26.26 14.98 8.18
H8 SAH C . 24.48 18.43 7.59
HN61 SAH C . 26.43 19.14 3.30
HN62 SAH C . 27.42 18.22 2.18
ZN ZN D . 10.78 -3.08 17.75
CA CA E . 21.62 8.13 -14.25
N SAH F . -13.89 -11.88 -8.23
CA SAH F . -13.44 -12.74 -7.15
CB SAH F . -12.03 -13.26 -7.40
CG SAH F . -11.02 -12.15 -7.70
SD SAH F . -9.33 -12.80 -7.59
C SAH F . -13.50 -12.00 -5.83
O SAH F . -13.58 -12.59 -4.75
OXT SAH F . -13.45 -10.76 -5.81
C5' SAH F . -8.85 -12.27 -9.26
C4' SAH F . -9.18 -13.31 -10.31
O4' SAH F . -9.03 -12.75 -11.61
C3' SAH F . -8.29 -14.55 -10.27
O3' SAH F . -9.08 -15.71 -10.19
C2' SAH F . -7.55 -14.60 -11.62
O2' SAH F . -7.44 -15.89 -12.11
C1' SAH F . -8.45 -13.73 -12.49
N9 SAH F . -7.80 -13.07 -13.61
C8 SAH F . -6.61 -12.41 -13.63
N7 SAH F . -6.39 -11.96 -14.89
C5 SAH F . -7.43 -12.33 -15.66
C6 SAH F . -7.72 -12.13 -17.01
N6 SAH F . -6.89 -11.46 -17.80
N1 SAH F . -8.89 -12.64 -17.53
C2 SAH F . -9.78 -13.33 -16.73
N3 SAH F . -9.49 -13.52 -15.40
C4 SAH F . -8.33 -13.02 -14.87
H2 SAH F . -10.70 -13.72 -17.14
HN1 SAH F . -13.58 -12.10 -9.00
HN2 SAH F . -14.27 -11.15 -7.97
HA SAH F . -14.05 -13.51 -7.09
HB1 SAH F . -12.06 -13.95 -8.24
HB2 SAH F . -11.71 -13.82 -6.53
HG1 SAH F . -11.14 -11.34 -6.98
HG2 SAH F . -11.21 -11.75 -8.70
H5'1 SAH F . -7.78 -12.08 -9.27
H5'2 SAH F . -9.34 -11.33 -9.51
H4' SAH F . -10.21 -13.63 -10.17
H3' SAH F . -7.57 -14.49 -9.45
HO3' SAH F . -8.95 -16.26 -10.99
H2' SAH F . -6.57 -14.13 -11.51
HO2' SAH F . -7.94 -15.97 -12.94
H1' SAH F . -9.25 -14.36 -12.87
H8 SAH F . -5.94 -12.26 -12.78
HN61 SAH F . -6.02 -11.09 -17.42
HN62 SAH F . -7.11 -11.33 -18.78
C ACT G . -21.97 3.56 -26.56
O ACT G . -22.41 2.49 -27.04
OXT ACT G . -20.77 3.89 -26.31
CH3 ACT G . -23.01 4.65 -26.24
H1 ACT G . -22.99 4.84 -25.29
H2 ACT G . -23.90 4.32 -26.44
H3 ACT G . -22.85 5.46 -26.75
ZN ZN H . -24.43 -8.56 6.79
CA CA I . -20.50 1.07 -27.28
#